data_3I3M
#
_entry.id   3I3M
#
_cell.length_a   41.444
_cell.length_b   41.444
_cell.length_c   116.709
_cell.angle_alpha   90.000
_cell.angle_beta   90.000
_cell.angle_gamma   90.000
#
_symmetry.space_group_name_H-M   'P 43'
#
loop_
_entity.id
_entity.type
_entity.pdbx_description
1 polymer 'Alpha-ketoglutarate-dependent dioxygenase alkB'
2 polymer "DNA (5'-D(P*TP*(ME6)P*T)-3')"
3 non-polymer '2-OXOGLUTARIC ACID'
4 non-polymer 'MANGANESE (II) ION'
5 water water
#
loop_
_entity_poly.entity_id
_entity_poly.type
_entity_poly.pdbx_seq_one_letter_code
_entity_poly.pdbx_strand_id
1 'polypeptide(L)'
;MQEPLAAGAVILRRFAFNAAEQLIRDINDVASQSPFRQMVTPGGYTMSVAMTNCGHLGWTTHRQGYLYSPIDPQTNKPWP
AMPQSFHNLCQRAATAAGYPDFQPDACLINRYAPGAKLSLHQDKDEPDLRAPIVSVSLGLPAIFQFGGLKRNDPLKRLLL
EHGDVVVWGGESRLFYHGIQPLKAGFHPLTIDCRYNLTFRQAGKKENLYFQ
;
A
2 'polydeoxyribonucleotide' (DT)(ME6)(DT) B
#
loop_
_chem_comp.id
_chem_comp.type
_chem_comp.name
_chem_comp.formula
AKG non-polymer '2-OXOGLUTARIC ACID' 'C5 H6 O5'
DT DNA linking THYMIDINE-5'-MONOPHOSPHATE 'C10 H15 N2 O8 P'
ME6 DNA linking '[(2R,3S,5R)-5-(4-azanyl-3-methyl-2-oxo-pyrimidin-3-ium-1-yl)-3-hydroxy-oxolan-2-yl]methyl dihydrogen phosphate' 'C10 H17 N3 O7 P 1'
MN non-polymer 'MANGANESE (II) ION' 'Mn 2'
#
# COMPACT_ATOMS: atom_id res chain seq x y z
N LEU A 5 -9.78 14.48 -3.80
CA LEU A 5 -10.15 13.22 -4.51
C LEU A 5 -11.57 12.80 -4.13
N ALA A 6 -11.92 13.00 -2.87
CA ALA A 6 -13.23 12.66 -2.36
C ALA A 6 -13.32 13.16 -0.93
N ALA A 7 -14.47 12.97 -0.31
CA ALA A 7 -14.64 13.41 1.07
C ALA A 7 -13.64 12.64 1.94
N GLY A 8 -12.71 13.37 2.55
CA GLY A 8 -11.71 12.76 3.41
C GLY A 8 -10.55 12.14 2.66
N ALA A 9 -10.48 12.36 1.36
CA ALA A 9 -9.40 11.81 0.56
C ALA A 9 -8.71 12.88 -0.27
N VAL A 10 -7.41 12.70 -0.49
CA VAL A 10 -6.65 13.66 -1.28
C VAL A 10 -5.42 13.02 -1.88
N ILE A 11 -4.94 13.60 -2.98
CA ILE A 11 -3.73 13.09 -3.63
C ILE A 11 -2.65 14.15 -3.54
N LEU A 12 -1.57 13.80 -2.87
CA LEU A 12 -0.43 14.69 -2.70
C LEU A 12 0.57 14.28 -3.77
N ARG A 13 0.43 14.87 -4.96
CA ARG A 13 1.31 14.52 -6.05
C ARG A 13 2.75 14.93 -5.82
N ARG A 14 3.66 13.98 -6.04
CA ARG A 14 5.10 14.15 -5.87
C ARG A 14 5.54 14.42 -4.44
N PHE A 15 4.63 14.26 -3.49
CA PHE A 15 4.92 14.51 -2.08
C PHE A 15 6.15 13.75 -1.56
N ALA A 16 6.29 12.50 -1.99
CA ALA A 16 7.40 11.65 -1.55
C ALA A 16 8.59 11.63 -2.50
N PHE A 17 8.63 12.56 -3.44
CA PHE A 17 9.71 12.60 -4.40
C PHE A 17 11.11 12.66 -3.78
N ASN A 18 11.31 13.60 -2.86
CA ASN A 18 12.62 13.77 -2.21
C ASN A 18 13.05 12.57 -1.37
N ALA A 19 12.08 11.87 -0.80
CA ALA A 19 12.37 10.72 0.06
C ALA A 19 12.44 9.39 -0.68
N ALA A 20 12.03 9.39 -1.94
CA ALA A 20 12.00 8.16 -2.73
C ALA A 20 13.23 7.27 -2.71
N GLU A 21 14.41 7.85 -2.92
CA GLU A 21 15.63 7.04 -2.94
C GLU A 21 15.83 6.31 -1.62
N GLN A 22 15.67 7.03 -0.51
CA GLN A 22 15.84 6.44 0.82
C GLN A 22 14.77 5.38 1.06
N LEU A 23 13.53 5.65 0.65
CA LEU A 23 12.44 4.70 0.85
C LEU A 23 12.74 3.39 0.14
N ILE A 24 13.25 3.48 -1.07
CA ILE A 24 13.56 2.29 -1.85
C ILE A 24 14.73 1.52 -1.24
N ARG A 25 15.70 2.22 -0.66
CA ARG A 25 16.83 1.55 -0.02
C ARG A 25 16.28 0.75 1.15
N ASP A 26 15.35 1.34 1.90
CA ASP A 26 14.76 0.65 3.04
C ASP A 26 13.83 -0.49 2.62
N ILE A 27 13.22 -0.38 1.44
CA ILE A 27 12.37 -1.46 0.95
C ILE A 27 13.28 -2.68 0.77
N ASN A 28 14.46 -2.44 0.18
CA ASN A 28 15.41 -3.51 -0.05
C ASN A 28 15.86 -4.15 1.26
N ASP A 29 16.05 -3.34 2.29
CA ASP A 29 16.47 -3.87 3.59
C ASP A 29 15.37 -4.72 4.19
N VAL A 30 14.13 -4.25 4.09
CA VAL A 30 13.00 -5.01 4.61
C VAL A 30 12.89 -6.34 3.87
N ALA A 31 12.99 -6.29 2.54
CA ALA A 31 12.89 -7.48 1.72
C ALA A 31 13.99 -8.50 2.01
N SER A 32 15.12 -8.05 2.54
CA SER A 32 16.20 -8.96 2.86
C SER A 32 15.80 -9.94 3.96
N GLN A 33 14.96 -9.49 4.89
CA GLN A 33 14.49 -10.34 5.99
C GLN A 33 13.20 -11.04 5.59
N SER A 34 12.26 -10.28 5.04
CA SER A 34 10.97 -10.82 4.60
C SER A 34 10.87 -10.54 3.10
N PRO A 35 11.29 -11.51 2.27
CA PRO A 35 11.26 -11.38 0.81
C PRO A 35 9.89 -11.12 0.21
N PHE A 36 9.88 -10.50 -0.96
CA PHE A 36 8.63 -10.27 -1.65
C PHE A 36 8.12 -11.65 -2.05
N ARG A 37 6.82 -11.86 -1.95
CA ARG A 37 6.25 -13.14 -2.37
C ARG A 37 4.85 -12.89 -2.90
N GLN A 38 4.43 -13.72 -3.85
CA GLN A 38 3.10 -13.59 -4.39
C GLN A 38 2.19 -14.46 -3.55
N MET A 39 1.37 -13.80 -2.74
CA MET A 39 0.45 -14.50 -1.85
C MET A 39 -0.67 -15.20 -2.59
N VAL A 40 -1.22 -16.23 -1.95
CA VAL A 40 -2.30 -17.02 -2.51
C VAL A 40 -3.57 -16.65 -1.75
N THR A 41 -4.61 -16.26 -2.49
CA THR A 41 -5.86 -15.87 -1.84
C THR A 41 -6.53 -17.03 -1.13
N PRO A 42 -7.45 -16.73 -0.21
CA PRO A 42 -8.17 -17.77 0.53
C PRO A 42 -8.90 -18.68 -0.47
N GLY A 43 -9.01 -18.19 -1.70
CA GLY A 43 -9.68 -18.93 -2.76
C GLY A 43 -8.76 -19.87 -3.53
N GLY A 44 -7.46 -19.76 -3.29
CA GLY A 44 -6.50 -20.61 -3.96
C GLY A 44 -5.86 -20.04 -5.22
N TYR A 45 -5.74 -18.72 -5.31
CA TYR A 45 -5.16 -18.08 -6.48
C TYR A 45 -3.93 -17.22 -6.16
N THR A 46 -2.89 -17.35 -6.98
CA THR A 46 -1.66 -16.58 -6.79
C THR A 46 -1.85 -15.17 -7.32
N MET A 47 -1.63 -14.18 -6.46
CA MET A 47 -1.77 -12.78 -6.83
C MET A 47 -0.64 -12.34 -7.76
N SER A 48 -0.94 -11.45 -8.71
CA SER A 48 0.09 -10.99 -9.64
C SER A 48 1.02 -10.01 -8.93
N VAL A 49 0.51 -9.31 -7.92
CA VAL A 49 1.32 -8.39 -7.15
C VAL A 49 2.12 -9.18 -6.11
N ALA A 50 3.39 -8.83 -5.95
CA ALA A 50 4.25 -9.47 -4.96
C ALA A 50 4.24 -8.56 -3.74
N MET A 51 4.16 -9.15 -2.55
CA MET A 51 4.07 -8.36 -1.34
C MET A 51 5.00 -8.80 -0.21
N THR A 52 5.13 -7.90 0.76
CA THR A 52 5.86 -8.17 1.99
C THR A 52 5.36 -7.09 2.95
N ASN A 53 5.76 -7.17 4.22
CA ASN A 53 5.29 -6.20 5.21
C ASN A 53 6.40 -5.81 6.18
N CYS A 54 6.18 -4.70 6.86
CA CYS A 54 7.08 -4.25 7.92
C CYS A 54 6.21 -3.54 8.94
N GLY A 55 6.70 -3.42 10.17
CA GLY A 55 5.93 -2.81 11.22
C GLY A 55 5.48 -3.95 12.12
N HIS A 56 4.63 -3.67 13.10
CA HIS A 56 4.18 -4.71 14.02
C HIS A 56 3.26 -5.75 13.38
N LEU A 57 2.41 -5.30 12.47
CA LEU A 57 1.47 -6.21 11.82
C LEU A 57 1.61 -6.21 10.31
N GLY A 58 1.42 -7.38 9.71
CA GLY A 58 1.51 -7.52 8.28
C GLY A 58 0.24 -8.13 7.71
N TRP A 59 -0.22 -7.59 6.59
CA TRP A 59 -1.42 -8.11 5.95
C TRP A 59 -1.03 -9.41 5.25
N THR A 60 -1.84 -10.45 5.44
CA THR A 60 -1.55 -11.74 4.84
C THR A 60 -2.83 -12.46 4.46
N THR A 61 -2.68 -13.53 3.69
CA THR A 61 -3.82 -14.33 3.27
C THR A 61 -3.74 -15.64 4.05
N HIS A 62 -4.90 -16.25 4.28
CA HIS A 62 -4.98 -17.52 5.01
C HIS A 62 -5.87 -18.45 4.18
N ARG A 63 -5.86 -19.73 4.52
CA ARG A 63 -6.67 -20.71 3.80
C ARG A 63 -8.06 -20.15 3.52
N GLN A 64 -8.59 -19.42 4.51
CA GLN A 64 -9.91 -18.84 4.39
C GLN A 64 -10.03 -17.51 5.13
N GLY A 65 -9.72 -16.42 4.43
CA GLY A 65 -9.82 -15.10 5.04
C GLY A 65 -8.53 -14.32 5.21
N TYR A 66 -8.56 -13.05 4.85
CA TYR A 66 -7.40 -12.18 4.99
C TYR A 66 -7.25 -11.89 6.47
N LEU A 67 -6.04 -11.56 6.91
CA LEU A 67 -5.82 -11.26 8.30
C LEU A 67 -4.45 -10.66 8.53
N TYR A 68 -4.29 -10.02 9.69
CA TYR A 68 -3.02 -9.43 10.06
C TYR A 68 -2.33 -10.35 11.05
N SER A 69 -1.02 -10.42 10.94
CA SER A 69 -0.23 -11.26 11.83
C SER A 69 1.12 -10.62 12.11
N PRO A 70 1.66 -10.82 13.32
CA PRO A 70 2.95 -10.23 13.62
C PRO A 70 4.06 -11.14 13.07
N ILE A 71 3.66 -12.30 12.56
CA ILE A 71 4.59 -13.28 12.00
C ILE A 71 4.45 -13.47 10.49
N ASP A 72 5.58 -13.43 9.80
CA ASP A 72 5.66 -13.65 8.35
C ASP A 72 5.42 -15.15 8.18
N PRO A 73 4.33 -15.54 7.50
CA PRO A 73 4.06 -16.98 7.30
C PRO A 73 5.04 -17.73 6.40
N GLN A 74 5.86 -17.01 5.65
CA GLN A 74 6.83 -17.65 4.78
C GLN A 74 8.15 -17.92 5.51
N THR A 75 8.64 -16.92 6.24
CA THR A 75 9.89 -17.06 6.99
C THR A 75 9.67 -17.62 8.38
N ASN A 76 8.45 -17.48 8.88
CA ASN A 76 8.06 -17.93 10.20
C ASN A 76 8.76 -17.12 11.29
N LYS A 77 9.19 -15.92 10.91
CA LYS A 77 9.86 -14.99 11.81
C LYS A 77 9.05 -13.69 11.79
N PRO A 78 9.27 -12.81 12.78
CA PRO A 78 8.52 -11.54 12.81
C PRO A 78 8.83 -10.70 11.56
N TRP A 79 7.91 -9.82 11.20
CA TRP A 79 8.15 -8.94 10.06
C TRP A 79 9.20 -7.92 10.50
N PRO A 80 9.94 -7.35 9.55
CA PRO A 80 10.96 -6.35 9.91
C PRO A 80 10.27 -5.16 10.57
N ALA A 81 10.96 -4.43 11.41
CA ALA A 81 10.37 -3.27 12.05
C ALA A 81 10.16 -2.17 10.99
N MET A 82 9.28 -1.23 11.30
CA MET A 82 8.99 -0.10 10.41
C MET A 82 10.22 0.81 10.26
N PRO A 83 10.71 0.99 9.03
CA PRO A 83 11.88 1.86 8.84
C PRO A 83 11.59 3.29 9.28
N GLN A 84 12.62 4.01 9.73
CA GLN A 84 12.47 5.39 10.15
C GLN A 84 11.93 6.26 9.01
N SER A 85 12.47 6.06 7.82
CA SER A 85 12.06 6.82 6.64
C SER A 85 10.57 6.66 6.39
N PHE A 86 10.09 5.44 6.53
CA PHE A 86 8.68 5.11 6.33
C PHE A 86 7.81 5.85 7.33
N HIS A 87 8.15 5.69 8.59
CA HIS A 87 7.40 6.32 9.67
C HIS A 87 7.31 7.83 9.50
N ASN A 88 8.44 8.47 9.25
CA ASN A 88 8.45 9.93 9.09
C ASN A 88 7.68 10.43 7.87
N LEU A 89 7.85 9.77 6.73
CA LEU A 89 7.14 10.20 5.53
C LEU A 89 5.65 10.01 5.73
N CYS A 90 5.27 8.87 6.32
CA CYS A 90 3.87 8.58 6.55
C CYS A 90 3.20 9.64 7.43
N GLN A 91 3.83 9.99 8.55
CA GLN A 91 3.24 10.98 9.43
C GLN A 91 3.11 12.34 8.77
N ARG A 92 4.13 12.73 7.99
CA ARG A 92 4.09 14.01 7.29
C ARG A 92 2.95 14.04 6.30
N ALA A 93 2.77 12.94 5.56
CA ALA A 93 1.71 12.86 4.57
C ALA A 93 0.33 12.88 5.25
N ALA A 94 0.19 12.12 6.33
CA ALA A 94 -1.08 12.07 7.05
C ALA A 94 -1.46 13.44 7.58
N THR A 95 -0.49 14.15 8.15
CA THR A 95 -0.75 15.48 8.69
C THR A 95 -1.23 16.42 7.58
N ALA A 96 -0.55 16.39 6.45
CA ALA A 96 -0.91 17.22 5.31
C ALA A 96 -2.32 16.90 4.81
N ALA A 97 -2.71 15.63 4.93
CA ALA A 97 -4.02 15.18 4.49
C ALA A 97 -5.14 15.46 5.48
N GLY A 98 -4.79 15.92 6.67
CA GLY A 98 -5.82 16.22 7.67
C GLY A 98 -5.98 15.18 8.76
N TYR A 99 -5.02 14.27 8.87
CA TYR A 99 -5.05 13.22 9.88
C TYR A 99 -3.75 13.29 10.68
N PRO A 100 -3.59 14.32 11.53
CA PRO A 100 -2.40 14.55 12.35
C PRO A 100 -2.05 13.49 13.40
N ASP A 101 -3.04 12.76 13.90
CA ASP A 101 -2.76 11.77 14.93
C ASP A 101 -2.58 10.34 14.44
N PHE A 102 -2.42 10.17 13.13
CA PHE A 102 -2.25 8.83 12.56
C PHE A 102 -0.98 8.14 13.06
N GLN A 103 -1.16 6.96 13.63
CA GLN A 103 -0.06 6.15 14.14
C GLN A 103 -0.16 4.75 13.55
N PRO A 104 0.44 4.53 12.37
CA PRO A 104 0.38 3.22 11.74
C PRO A 104 1.17 2.16 12.50
N ASP A 105 0.68 0.92 12.45
CA ASP A 105 1.38 -0.20 13.09
C ASP A 105 1.63 -1.27 12.04
N ALA A 106 1.42 -0.90 10.78
CA ALA A 106 1.61 -1.85 9.69
C ALA A 106 1.85 -1.15 8.37
N CYS A 107 2.69 -1.76 7.53
CA CYS A 107 2.96 -1.23 6.21
C CYS A 107 3.08 -2.39 5.23
N LEU A 108 2.15 -2.42 4.27
CA LEU A 108 2.14 -3.45 3.24
C LEU A 108 2.92 -2.89 2.06
N ILE A 109 3.94 -3.63 1.64
CA ILE A 109 4.77 -3.21 0.52
C ILE A 109 4.39 -4.03 -0.70
N ASN A 110 3.92 -3.36 -1.75
CA ASN A 110 3.51 -4.03 -2.98
C ASN A 110 4.47 -3.77 -4.11
N ARG A 111 4.77 -4.82 -4.87
CA ARG A 111 5.65 -4.70 -6.03
C ARG A 111 4.88 -5.13 -7.26
N TYR A 112 4.76 -4.23 -8.22
CA TYR A 112 4.05 -4.51 -9.46
C TYR A 112 5.01 -4.69 -10.62
N ALA A 113 4.99 -5.87 -11.21
CA ALA A 113 5.80 -6.15 -12.39
C ALA A 113 4.89 -5.76 -13.55
N PRO A 114 5.43 -5.65 -14.77
CA PRO A 114 4.56 -5.29 -15.90
C PRO A 114 3.38 -6.25 -16.00
N GLY A 115 2.18 -5.71 -16.21
CA GLY A 115 0.99 -6.53 -16.33
C GLY A 115 0.32 -6.86 -15.00
N ALA A 116 1.03 -6.66 -13.90
CA ALA A 116 0.46 -6.94 -12.58
C ALA A 116 -0.67 -5.96 -12.26
N LYS A 117 -1.66 -6.44 -11.52
CA LYS A 117 -2.79 -5.61 -11.16
C LYS A 117 -3.34 -6.00 -9.80
N LEU A 118 -4.13 -5.11 -9.22
CA LEU A 118 -4.76 -5.37 -7.93
C LEU A 118 -6.22 -4.98 -8.18
N SER A 119 -7.07 -5.98 -8.39
CA SER A 119 -8.47 -5.70 -8.69
C SER A 119 -9.21 -4.96 -7.58
N LEU A 120 -10.25 -4.25 -8.00
CA LEU A 120 -11.08 -3.43 -7.12
C LEU A 120 -11.41 -4.12 -5.80
N HIS A 121 -11.12 -3.43 -4.70
CA HIS A 121 -11.39 -3.96 -3.37
C HIS A 121 -11.51 -2.84 -2.36
N GLN A 122 -11.89 -3.21 -1.15
CA GLN A 122 -12.00 -2.28 -0.04
C GLN A 122 -10.97 -2.74 0.98
N ASP A 123 -10.39 -1.80 1.73
CA ASP A 123 -9.45 -2.15 2.77
C ASP A 123 -10.36 -2.29 3.99
N LYS A 124 -10.89 -3.49 4.20
CA LYS A 124 -11.81 -3.74 5.29
C LYS A 124 -11.37 -4.75 6.34
N ASP A 125 -10.05 -4.88 6.53
CA ASP A 125 -9.53 -5.81 7.53
C ASP A 125 -9.05 -5.10 8.79
N GLU A 126 -9.28 -3.79 8.85
CA GLU A 126 -8.87 -2.97 9.98
C GLU A 126 -10.09 -2.51 10.79
N PRO A 127 -10.16 -2.89 12.07
CA PRO A 127 -11.29 -2.51 12.93
C PRO A 127 -11.50 -1.03 13.23
N ASP A 128 -10.42 -0.27 13.35
CA ASP A 128 -10.54 1.15 13.66
C ASP A 128 -10.59 2.02 12.41
N LEU A 129 -11.82 2.35 11.99
CA LEU A 129 -12.04 3.15 10.78
C LEU A 129 -11.67 4.62 10.92
N ARG A 130 -11.25 5.04 12.11
CA ARG A 130 -10.87 6.43 12.31
C ARG A 130 -9.50 6.71 11.70
N ALA A 131 -8.72 5.65 11.54
CA ALA A 131 -7.39 5.77 10.97
C ALA A 131 -7.47 5.69 9.45
N PRO A 132 -6.78 6.60 8.75
CA PRO A 132 -6.79 6.63 7.28
C PRO A 132 -5.83 5.64 6.67
N ILE A 133 -5.83 5.58 5.35
CA ILE A 133 -4.92 4.73 4.59
C ILE A 133 -3.98 5.72 3.91
N VAL A 134 -2.67 5.52 4.05
CA VAL A 134 -1.70 6.38 3.40
C VAL A 134 -0.97 5.49 2.40
N SER A 135 -1.09 5.83 1.12
CA SER A 135 -0.53 5.03 0.04
C SER A 135 0.53 5.79 -0.77
N VAL A 136 1.76 5.27 -0.78
CA VAL A 136 2.88 5.91 -1.48
C VAL A 136 3.30 5.19 -2.76
N SER A 137 3.34 5.92 -3.87
CA SER A 137 3.71 5.37 -5.18
C SER A 137 5.19 5.63 -5.47
N LEU A 138 5.87 4.61 -6.00
CA LEU A 138 7.28 4.70 -6.34
C LEU A 138 7.54 3.96 -7.65
N GLY A 139 8.34 4.54 -8.54
CA GLY A 139 8.64 3.86 -9.78
C GLY A 139 7.72 4.11 -10.96
N LEU A 140 7.43 3.04 -11.70
CA LEU A 140 6.57 3.11 -12.88
C LEU A 140 5.18 3.64 -12.58
N PRO A 141 4.60 4.39 -13.53
CA PRO A 141 3.26 4.96 -13.36
C PRO A 141 2.16 3.91 -13.49
N ALA A 142 1.05 4.15 -12.82
CA ALA A 142 -0.08 3.22 -12.87
C ALA A 142 -1.38 3.99 -12.81
N ILE A 143 -2.45 3.33 -13.26
CA ILE A 143 -3.77 3.95 -13.21
C ILE A 143 -4.47 3.39 -11.98
N PHE A 144 -4.83 4.30 -11.08
CA PHE A 144 -5.50 3.98 -9.83
C PHE A 144 -6.99 4.23 -9.99
N GLN A 145 -7.80 3.24 -9.62
CA GLN A 145 -9.25 3.37 -9.69
C GLN A 145 -9.75 3.71 -8.29
N PHE A 146 -10.61 4.71 -8.18
CA PHE A 146 -11.14 5.09 -6.88
C PHE A 146 -12.65 5.29 -7.04
N GLY A 147 -13.42 4.43 -6.37
CA GLY A 147 -14.87 4.50 -6.49
C GLY A 147 -15.62 4.88 -5.24
N GLY A 148 -16.63 4.09 -4.91
CA GLY A 148 -17.45 4.36 -3.74
C GLY A 148 -17.64 3.15 -2.84
N LEU A 149 -18.75 3.13 -2.11
CA LEU A 149 -19.05 2.03 -1.19
C LEU A 149 -19.59 0.76 -1.86
N LYS A 150 -20.03 0.88 -3.10
CA LYS A 150 -20.55 -0.27 -3.83
C LYS A 150 -19.63 -0.59 -5.00
N ARG A 151 -19.46 -1.88 -5.26
CA ARG A 151 -18.58 -2.33 -6.34
C ARG A 151 -18.98 -1.74 -7.70
N ASN A 152 -20.26 -1.44 -7.86
CA ASN A 152 -20.78 -0.88 -9.10
C ASN A 152 -20.82 0.64 -9.18
N ASP A 153 -20.36 1.32 -8.13
CA ASP A 153 -20.35 2.78 -8.15
C ASP A 153 -19.35 3.28 -9.19
N PRO A 154 -19.61 4.45 -9.78
CA PRO A 154 -18.73 5.03 -10.79
C PRO A 154 -17.28 5.16 -10.31
N LEU A 155 -16.34 4.85 -11.19
CA LEU A 155 -14.92 4.90 -10.84
C LEU A 155 -14.17 6.07 -11.44
N LYS A 156 -13.31 6.66 -10.64
CA LYS A 156 -12.46 7.75 -11.10
C LYS A 156 -11.16 7.04 -11.48
N ARG A 157 -10.53 7.49 -12.56
CA ARG A 157 -9.27 6.89 -12.99
C ARG A 157 -8.20 7.96 -12.89
N LEU A 158 -7.23 7.73 -12.02
CA LEU A 158 -6.16 8.68 -11.78
C LEU A 158 -4.78 8.10 -11.99
N LEU A 159 -3.96 8.79 -12.75
CA LEU A 159 -2.59 8.34 -12.96
C LEU A 159 -1.85 8.63 -11.67
N LEU A 160 -1.06 7.65 -11.22
CA LEU A 160 -0.24 7.81 -10.03
C LEU A 160 1.19 7.65 -10.52
N GLU A 161 2.00 8.66 -10.29
CA GLU A 161 3.39 8.62 -10.72
C GLU A 161 4.34 8.59 -9.53
N HIS A 162 5.60 8.33 -9.83
CA HIS A 162 6.65 8.25 -8.82
C HIS A 162 6.61 9.42 -7.83
N GLY A 163 6.48 9.10 -6.55
CA GLY A 163 6.45 10.12 -5.51
C GLY A 163 5.07 10.53 -5.04
N ASP A 164 4.04 10.15 -5.80
CA ASP A 164 2.66 10.50 -5.43
C ASP A 164 2.19 9.77 -4.18
N VAL A 165 1.44 10.48 -3.34
CA VAL A 165 0.90 9.87 -2.12
C VAL A 165 -0.60 10.12 -2.08
N VAL A 166 -1.36 9.06 -1.89
CA VAL A 166 -2.81 9.16 -1.82
C VAL A 166 -3.21 8.81 -0.39
N VAL A 167 -4.09 9.63 0.18
CA VAL A 167 -4.56 9.39 1.53
C VAL A 167 -6.07 9.39 1.51
N TRP A 168 -6.69 8.38 2.10
CA TRP A 168 -8.14 8.36 2.16
C TRP A 168 -8.57 7.85 3.53
N GLY A 169 -9.66 8.42 4.02
CA GLY A 169 -10.18 8.05 5.32
C GLY A 169 -11.47 8.81 5.55
N GLY A 170 -11.93 8.81 6.80
CA GLY A 170 -13.17 9.50 7.08
C GLY A 170 -14.27 8.91 6.21
N GLU A 171 -15.02 9.77 5.53
CA GLU A 171 -16.11 9.32 4.68
C GLU A 171 -15.71 8.32 3.60
N SER A 172 -14.50 8.47 3.07
CA SER A 172 -14.01 7.59 2.00
C SER A 172 -13.13 6.42 2.44
N ARG A 173 -13.01 6.22 3.75
CA ARG A 173 -12.17 5.15 4.29
C ARG A 173 -12.42 3.77 3.69
N LEU A 174 -13.68 3.43 3.46
CA LEU A 174 -14.00 2.11 2.90
C LEU A 174 -14.32 2.10 1.41
N PHE A 175 -13.95 3.16 0.70
CA PHE A 175 -14.21 3.20 -0.73
C PHE A 175 -13.44 2.15 -1.51
N TYR A 176 -14.08 1.61 -2.54
CA TYR A 176 -13.46 0.62 -3.42
C TYR A 176 -12.37 1.28 -4.23
N HIS A 177 -11.29 0.54 -4.51
CA HIS A 177 -10.17 1.08 -5.27
C HIS A 177 -9.32 -0.06 -5.82
N GLY A 178 -8.45 0.25 -6.76
CA GLY A 178 -7.61 -0.78 -7.35
C GLY A 178 -6.58 -0.19 -8.30
N ILE A 179 -5.75 -1.08 -8.85
CA ILE A 179 -4.70 -0.68 -9.78
C ILE A 179 -4.85 -1.49 -11.06
N GLN A 180 -4.88 -0.81 -12.20
CA GLN A 180 -5.04 -1.48 -13.49
C GLN A 180 -3.70 -2.11 -13.90
N PRO A 181 -3.75 -3.15 -14.75
CA PRO A 181 -2.54 -3.82 -15.20
C PRO A 181 -1.42 -2.83 -15.53
N LEU A 182 -0.28 -2.99 -14.87
CA LEU A 182 0.85 -2.08 -15.05
C LEU A 182 1.42 -2.09 -16.46
N LYS A 183 1.51 -0.90 -17.05
CA LYS A 183 2.06 -0.78 -18.39
C LYS A 183 3.58 -0.96 -18.30
N ALA A 184 4.15 -1.54 -19.34
CA ALA A 184 5.59 -1.76 -19.38
C ALA A 184 6.31 -0.42 -19.43
N GLY A 185 7.53 -0.38 -18.94
CA GLY A 185 8.28 0.86 -18.94
C GLY A 185 9.57 0.77 -18.13
N PHE A 186 10.23 1.92 -17.98
CA PHE A 186 11.46 1.98 -17.22
C PHE A 186 11.48 3.20 -16.31
N HIS A 187 12.04 3.02 -15.13
CA HIS A 187 12.18 4.11 -14.18
C HIS A 187 13.57 3.98 -13.57
N PRO A 188 14.33 5.08 -13.54
CA PRO A 188 15.69 5.08 -12.99
C PRO A 188 15.91 4.57 -11.57
N LEU A 189 14.89 4.68 -10.71
CA LEU A 189 15.06 4.24 -9.33
C LEU A 189 14.53 2.86 -9.00
N THR A 190 13.59 2.36 -9.80
CA THR A 190 13.02 1.03 -9.55
C THR A 190 13.24 0.08 -10.71
N ILE A 191 13.79 0.62 -11.80
CA ILE A 191 14.09 -0.16 -13.00
C ILE A 191 12.89 -0.69 -13.78
N ASP A 192 12.36 -1.83 -13.35
CA ASP A 192 11.26 -2.48 -14.06
C ASP A 192 9.99 -2.72 -13.26
N CYS A 193 9.75 -1.96 -12.20
CA CYS A 193 8.56 -2.18 -11.42
C CYS A 193 8.03 -0.92 -10.77
N ARG A 194 6.86 -1.06 -10.16
CA ARG A 194 6.25 0.01 -9.40
C ARG A 194 6.14 -0.57 -8.00
N TYR A 195 6.48 0.23 -7.00
CA TYR A 195 6.35 -0.20 -5.62
C TYR A 195 5.30 0.70 -5.00
N ASN A 196 4.57 0.17 -4.05
CA ASN A 196 3.59 0.97 -3.33
C ASN A 196 3.70 0.62 -1.86
N LEU A 197 3.61 1.63 -1.00
CA LEU A 197 3.67 1.45 0.44
C LEU A 197 2.31 1.82 1.00
N THR A 198 1.64 0.87 1.66
CA THR A 198 0.34 1.16 2.22
C THR A 198 0.39 1.09 3.75
N PHE A 199 0.32 2.26 4.38
CA PHE A 199 0.37 2.36 5.83
C PHE A 199 -1.02 2.29 6.42
N ARG A 200 -1.17 1.50 7.47
CA ARG A 200 -2.46 1.34 8.13
C ARG A 200 -2.30 1.14 9.63
N GLN A 201 -3.39 1.35 10.35
CA GLN A 201 -3.42 1.07 11.78
C GLN A 201 -4.30 -0.18 11.72
N ALA A 202 -3.67 -1.34 11.81
CA ALA A 202 -4.39 -2.61 11.72
C ALA A 202 -4.85 -3.17 13.04
N GLY A 203 -4.21 -2.75 14.13
CA GLY A 203 -4.59 -3.25 15.44
C GLY A 203 -5.22 -2.21 16.33
N LYS A 204 -5.22 -2.50 17.64
CA LYS A 204 -5.79 -1.60 18.64
C LYS A 204 -7.26 -1.33 18.39
O2 ME6 B 2 -4.66 -6.69 -1.75
C2 ME6 B 2 -5.78 -6.70 -1.22
N3 ME6 B 2 -5.98 -6.12 -0.02
C20 ME6 B 2 -4.86 -5.45 0.70
C4 ME6 B 2 -7.20 -6.17 0.54
N4 ME6 B 2 -7.38 -5.56 1.71
C5 ME6 B 2 -8.30 -6.83 -0.10
C6 ME6 B 2 -8.07 -7.39 -1.29
N1 ME6 B 2 -6.84 -7.33 -1.88
C1' ME6 B 2 -6.62 -7.87 -3.23
O4' ME6 B 2 -7.52 -7.20 -4.10
C2' ME6 B 2 -6.92 -9.35 -3.40
C3' ME6 B 2 -7.31 -9.43 -4.87
O3' ME6 B 2 -6.12 -9.50 -5.66
C4' ME6 B 2 -8.03 -8.10 -5.10
C5' ME6 B 2 -9.53 -8.19 -4.91
O5' ME6 B 2 -9.82 -8.73 -3.63
P ME6 B 2 -11.31 -8.98 -3.15
O2P ME6 B 2 -11.26 -9.75 -1.88
O1P ME6 B 2 -12.04 -7.68 -3.21
C1 AKG C . -3.46 -2.08 -1.06
O1 AKG C . -2.34 -2.30 -0.64
O2 AKG C . -4.53 -2.42 -0.32
C2 AKG C . -3.67 -1.22 -2.28
O5 AKG C . -4.80 -0.90 -2.59
C3 AKG C . -2.48 -0.81 -3.13
C4 AKG C . -2.86 0.31 -4.09
C5 AKG C . -1.64 0.82 -4.84
O3 AKG C . -0.79 0.06 -5.22
O4 AKG C . -1.60 2.10 -5.22
MN MN D . -6.26 -1.36 -0.92
#